data_7GQT
#
_entry.id   7GQT
#
_cell.length_a   50.227
_cell.length_b   90.227
_cell.length_c   54.002
_cell.angle_alpha   90.000
_cell.angle_beta   102.820
_cell.angle_gamma   90.000
#
_symmetry.space_group_name_H-M   'P 1 21 1'
#
loop_
_entity.id
_entity.type
_entity.pdbx_description
1 polymer "Bifunctional 3'-5' exonuclease/ATP-dependent helicase WRN"
2 non-polymer 'ZINC ION'
3 non-polymer "ADENOSINE-5'-TRIPHOSPHATE"
4 non-polymer 'MAGNESIUM ION'
5 water water
#
_entity_poly.entity_id   1
_entity_poly.type   'polypeptide(L)'
_entity_poly.pdbx_seq_one_letter_code
;MNEGEEDDDKDFLWPAPNEEQVTCLKMYFGHSSFKPVQWKVIHSVLEERRDNVAVMATGYGKSLCFQYPPVYVGKIGLVI
SPLISLMEDQVLQLKMSNIPACFLGSAQSENVLTDIKLGKYRIVYVTPEYCSGNMGLLQQLEADIGITLIAVDEAHCISE
WGHDFRDSFRKLGSLKTALPMVPIVALTATASSSIREDIVRCLNLRNPQITCTGFDRPNLYLEVRRKTGNILQDLQPFLV
KTSSHWEFEGPTIIYCPSRKMTQQVTGELRKLNLSCGTYHAGMSFSTRKDIHHRFVRDEIQCVIATIAFGMGINKADIRQ
VIHYGAPKDMESYYQEIGRAGRDGLQSSCHVLWAPADINLNRHLLTEIRNEKFRLYKLKMMAKMEKYLHSSRCRRQIILS
HFEDKQVQKASLGIMGTEKCCDNCRSRLDHGGRLEVLFQ
;
_entity_poly.pdbx_strand_id   A
#
# COMPACT_ATOMS: atom_id res chain seq x y z
N PHE A 12 27.45 -5.96 3.05
CA PHE A 12 27.64 -7.38 2.74
C PHE A 12 26.99 -8.24 3.81
N LEU A 13 27.41 -8.03 5.06
CA LEU A 13 26.87 -8.76 6.20
C LEU A 13 26.14 -7.79 7.11
N TRP A 14 24.93 -8.19 7.54
CA TRP A 14 24.15 -7.44 8.50
C TRP A 14 24.18 -8.17 9.84
N PRO A 15 24.59 -7.51 10.93
CA PRO A 15 24.57 -8.19 12.22
C PRO A 15 23.15 -8.44 12.70
N ALA A 16 22.99 -9.51 13.48
CA ALA A 16 21.68 -9.84 14.03
C ALA A 16 21.27 -8.79 15.06
N PRO A 17 19.97 -8.52 15.19
CA PRO A 17 19.52 -7.59 16.23
C PRO A 17 19.90 -8.11 17.61
N ASN A 18 20.26 -7.20 18.50
CA ASN A 18 20.65 -7.64 19.83
C ASN A 18 19.40 -7.99 20.63
N GLU A 19 19.62 -8.50 21.84
CA GLU A 19 18.51 -8.96 22.66
C GLU A 19 17.56 -7.83 23.01
N GLU A 20 18.10 -6.67 23.37
CA GLU A 20 17.26 -5.55 23.76
C GLU A 20 16.49 -4.98 22.59
N GLN A 21 17.01 -5.14 21.36
CA GLN A 21 16.28 -4.70 20.18
C GLN A 21 15.12 -5.63 19.87
N VAL A 22 15.32 -6.95 20.02
CA VAL A 22 14.22 -7.88 19.78
C VAL A 22 13.14 -7.73 20.84
N THR A 23 13.54 -7.52 22.10
CA THR A 23 12.56 -7.35 23.15
C THR A 23 11.69 -6.13 22.90
N CYS A 24 12.29 -5.03 22.43
CA CYS A 24 11.51 -3.84 22.13
C CYS A 24 10.50 -4.12 21.04
N LEU A 25 10.91 -4.83 19.98
CA LEU A 25 9.99 -5.18 18.90
C LEU A 25 8.84 -6.05 19.41
N LYS A 26 9.06 -6.88 20.43
CA LYS A 26 7.99 -7.70 20.97
C LYS A 26 7.00 -6.89 21.81
N MET A 27 7.52 -5.98 22.66
CA MET A 27 6.68 -5.24 23.59
C MET A 27 5.76 -4.27 22.86
N TYR A 28 6.27 -3.61 21.83
CA TYR A 28 5.55 -2.49 21.22
C TYR A 28 4.92 -2.80 19.89
N PHE A 29 5.46 -3.75 19.13
CA PHE A 29 4.92 -4.06 17.83
C PHE A 29 4.36 -5.48 17.73
N GLY A 30 4.49 -6.29 18.77
CA GLY A 30 3.90 -7.62 18.79
C GLY A 30 4.47 -8.57 17.75
N HIS A 31 5.76 -8.45 17.44
CA HIS A 31 6.42 -9.34 16.50
C HIS A 31 7.58 -10.04 17.18
N SER A 32 7.80 -11.30 16.80
CA SER A 32 8.87 -12.09 17.40
C SER A 32 10.20 -11.94 16.68
N SER A 33 10.20 -11.42 15.46
CA SER A 33 11.44 -11.25 14.71
C SER A 33 11.20 -10.28 13.56
N PHE A 34 12.30 -9.70 13.10
CA PHE A 34 12.26 -8.83 11.93
C PHE A 34 12.24 -9.66 10.66
N LYS A 35 11.56 -9.15 9.64
CA LYS A 35 11.80 -9.62 8.29
C LYS A 35 13.13 -9.07 7.82
N PRO A 36 13.76 -9.70 6.82
CA PRO A 36 15.12 -9.28 6.43
C PRO A 36 15.22 -7.82 5.98
N VAL A 37 14.49 -7.42 4.93
CA VAL A 37 14.64 -6.05 4.43
C VAL A 37 14.25 -5.04 5.51
N GLN A 38 13.31 -5.39 6.39
CA GLN A 38 13.02 -4.52 7.53
C GLN A 38 14.26 -4.32 8.38
N TRP A 39 14.95 -5.41 8.70
CA TRP A 39 16.16 -5.27 9.51
C TRP A 39 17.23 -4.50 8.76
N LYS A 40 17.42 -4.80 7.47
CA LYS A 40 18.43 -4.06 6.69
C LYS A 40 18.16 -2.57 6.75
N VAL A 41 16.91 -2.15 6.57
CA VAL A 41 16.59 -0.73 6.65
C VAL A 41 16.72 -0.21 8.08
N ILE A 42 16.22 -0.97 9.06
CA ILE A 42 16.28 -0.50 10.44
C ILE A 42 17.73 -0.39 10.91
N HIS A 43 18.54 -1.41 10.61
CA HIS A 43 19.93 -1.41 11.05
C HIS A 43 20.72 -0.25 10.43
N SER A 44 20.48 0.05 9.14
CA SER A 44 21.14 1.18 8.50
C SER A 44 20.82 2.48 9.20
N VAL A 45 19.54 2.70 9.51
CA VAL A 45 19.10 3.94 10.12
C VAL A 45 19.53 4.00 11.58
N LEU A 46 19.27 2.93 12.32
CA LEU A 46 19.47 2.96 13.77
C LEU A 46 20.96 2.95 14.11
N GLU A 47 21.69 1.97 13.59
CA GLU A 47 23.08 1.75 13.98
C GLU A 47 24.09 2.41 13.06
N GLU A 48 23.75 2.64 11.79
CA GLU A 48 24.72 3.18 10.87
C GLU A 48 24.45 4.63 10.47
N ARG A 49 23.27 5.17 10.79
CA ARG A 49 22.92 6.57 10.53
C ARG A 49 23.02 6.91 9.04
N ARG A 50 22.46 6.04 8.21
CA ARG A 50 22.62 6.11 6.77
C ARG A 50 21.28 6.38 6.08
N ASP A 51 21.33 7.20 5.03
CA ASP A 51 20.14 7.44 4.21
C ASP A 51 19.73 6.16 3.49
N ASN A 52 18.43 5.99 3.29
CA ASN A 52 17.91 4.76 2.72
C ASN A 52 16.88 5.07 1.65
N VAL A 53 16.91 4.29 0.58
CA VAL A 53 15.83 4.20 -0.39
C VAL A 53 15.36 2.75 -0.36
N ALA A 54 14.17 2.53 0.21
CA ALA A 54 13.67 1.19 0.48
C ALA A 54 12.49 0.92 -0.44
N VAL A 55 12.65 -0.05 -1.33
CA VAL A 55 11.56 -0.49 -2.20
C VAL A 55 10.87 -1.63 -1.49
N MET A 56 9.68 -1.37 -0.97
CA MET A 56 8.92 -2.37 -0.21
C MET A 56 7.54 -2.49 -0.82
N ALA A 57 7.20 -3.72 -1.23
CA ALA A 57 5.86 -4.00 -1.72
C ALA A 57 4.87 -4.00 -0.56
N THR A 58 3.62 -3.69 -0.89
CA THR A 58 2.59 -3.59 0.13
C THR A 58 2.38 -4.93 0.83
N GLY A 59 2.08 -4.87 2.13
CA GLY A 59 1.92 -6.03 2.96
C GLY A 59 3.20 -6.51 3.62
N TYR A 60 4.35 -5.96 3.24
CA TYR A 60 5.61 -6.39 3.80
C TYR A 60 5.83 -5.86 5.21
N GLY A 61 5.37 -4.64 5.50
CA GLY A 61 5.72 -4.01 6.77
C GLY A 61 6.53 -2.76 6.61
N LYS A 62 6.17 -1.94 5.61
CA LYS A 62 6.81 -0.65 5.42
C LYS A 62 6.83 0.16 6.72
N SER A 63 5.70 0.23 7.40
CA SER A 63 5.53 1.21 8.46
C SER A 63 6.40 0.91 9.68
N LEU A 64 6.85 -0.35 9.86
CA LEU A 64 7.75 -0.66 10.97
C LEU A 64 9.14 -0.03 10.79
N CYS A 65 9.59 0.15 9.53
CA CYS A 65 10.95 0.60 9.28
C CYS A 65 11.22 2.01 9.82
N PHE A 66 10.20 2.87 9.81
CA PHE A 66 10.36 4.22 10.37
C PHE A 66 9.69 4.40 11.71
N GLN A 67 8.80 3.49 12.12
CA GLN A 67 8.22 3.59 13.46
C GLN A 67 9.14 2.98 14.52
N TYR A 68 9.82 1.89 14.18
CA TYR A 68 10.60 1.17 15.19
C TYR A 68 11.79 1.95 15.73
N PRO A 69 12.66 2.54 14.91
CA PRO A 69 13.88 3.15 15.46
C PRO A 69 13.57 4.21 16.50
N PRO A 70 12.72 5.20 16.23
CA PRO A 70 12.45 6.22 17.27
C PRO A 70 11.85 5.65 18.55
N VAL A 71 11.01 4.61 18.45
CA VAL A 71 10.51 3.96 19.66
C VAL A 71 11.66 3.31 20.42
N TYR A 72 12.59 2.68 19.69
CA TYR A 72 13.67 1.95 20.37
C TYR A 72 14.54 2.90 21.19
N VAL A 73 14.91 4.05 20.63
CA VAL A 73 15.80 4.98 21.34
C VAL A 73 15.03 6.06 22.08
N GLY A 74 13.70 6.05 22.00
CA GLY A 74 12.88 7.03 22.71
C GLY A 74 13.07 8.45 22.22
N LYS A 75 13.14 8.65 20.91
CA LYS A 75 13.33 9.98 20.37
C LYS A 75 12.25 10.24 19.31
N ILE A 76 12.42 11.31 18.54
CA ILE A 76 11.41 11.72 17.56
C ILE A 76 11.73 11.06 16.22
N GLY A 77 10.71 10.49 15.60
CA GLY A 77 10.77 10.09 14.20
C GLY A 77 9.79 10.91 13.38
N LEU A 78 10.30 11.60 12.34
CA LEU A 78 9.47 12.50 11.54
C LEU A 78 9.02 11.78 10.28
N VAL A 79 7.71 11.69 10.08
CA VAL A 79 7.12 10.99 8.93
C VAL A 79 6.36 12.00 8.09
N ILE A 80 6.71 12.08 6.80
CA ILE A 80 6.14 13.03 5.86
C ILE A 80 5.37 12.25 4.81
N SER A 81 4.10 12.63 4.61
CA SER A 81 3.20 11.90 3.74
C SER A 81 2.09 12.83 3.29
N PRO A 82 1.62 12.72 2.05
CA PRO A 82 0.52 13.58 1.60
C PRO A 82 -0.87 13.08 2.00
N LEU A 83 -0.98 11.86 2.53
CA LEU A 83 -2.28 11.25 2.84
C LEU A 83 -2.61 11.51 4.31
N ILE A 84 -3.46 12.52 4.56
CA ILE A 84 -3.73 12.95 5.92
C ILE A 84 -4.53 11.89 6.68
N SER A 85 -5.54 11.30 6.04
CA SER A 85 -6.36 10.31 6.73
C SER A 85 -5.56 9.06 7.07
N LEU A 86 -4.64 8.65 6.18
CA LEU A 86 -3.79 7.50 6.48
C LEU A 86 -2.94 7.74 7.72
N MET A 87 -2.47 8.98 7.91
CA MET A 87 -1.65 9.27 9.08
C MET A 87 -2.50 9.30 10.35
N GLU A 88 -3.76 9.71 10.26
CA GLU A 88 -4.67 9.57 11.40
C GLU A 88 -4.88 8.11 11.76
N ASP A 89 -5.01 7.24 10.75
CA ASP A 89 -5.20 5.82 11.02
C ASP A 89 -3.98 5.24 11.72
N GLN A 90 -2.75 5.61 11.30
CA GLN A 90 -1.56 5.05 11.93
C GLN A 90 -1.40 5.55 13.36
N VAL A 91 -1.69 6.84 13.60
CA VAL A 91 -1.57 7.38 14.95
C VAL A 91 -2.49 6.62 15.91
N LEU A 92 -3.70 6.29 15.47
CA LEU A 92 -4.57 5.47 16.31
C LEU A 92 -3.97 4.09 16.54
N GLN A 93 -3.46 3.45 15.48
CA GLN A 93 -2.87 2.13 15.63
C GLN A 93 -1.71 2.17 16.61
N LEU A 94 -0.88 3.21 16.54
CA LEU A 94 0.24 3.33 17.47
C LEU A 94 -0.25 3.53 18.90
N LYS A 95 -1.32 4.29 19.09
CA LYS A 95 -1.84 4.49 20.44
C LYS A 95 -2.39 3.19 21.03
N MET A 96 -2.99 2.34 20.21
CA MET A 96 -3.38 1.01 20.67
C MET A 96 -2.19 0.16 21.05
N SER A 97 -1.00 0.46 20.52
CA SER A 97 0.23 -0.24 20.84
C SER A 97 1.04 0.47 21.91
N ASN A 98 0.44 1.40 22.65
CA ASN A 98 1.11 2.14 23.73
C ASN A 98 2.23 3.06 23.21
N ILE A 99 2.18 3.46 21.94
CA ILE A 99 3.22 4.29 21.34
C ILE A 99 2.65 5.69 21.13
N PRO A 100 3.17 6.71 21.82
CA PRO A 100 2.65 8.07 21.65
C PRO A 100 3.02 8.64 20.29
N ALA A 101 2.02 9.15 19.59
CA ALA A 101 2.20 9.68 18.24
C ALA A 101 1.14 10.74 17.99
N CYS A 102 1.45 11.67 17.09
CA CYS A 102 0.54 12.75 16.76
C CYS A 102 0.72 13.17 15.32
N PHE A 103 -0.32 13.78 14.76
CA PHE A 103 -0.30 14.37 13.43
C PHE A 103 -0.24 15.89 13.59
N LEU A 104 0.76 16.51 12.99
CA LEU A 104 1.08 17.91 13.27
C LEU A 104 0.74 18.79 12.07
N GLY A 105 0.14 19.93 12.35
CA GLY A 105 -0.23 20.89 11.32
C GLY A 105 -0.42 22.27 11.92
N SER A 106 -0.66 23.25 11.03
CA SER A 106 -0.89 24.61 11.51
C SER A 106 -2.19 24.70 12.30
N ALA A 107 -3.17 23.84 12.00
CA ALA A 107 -4.42 23.82 12.73
C ALA A 107 -4.26 23.37 14.18
N GLN A 108 -3.12 22.78 14.52
CA GLN A 108 -2.88 22.31 15.87
C GLN A 108 -2.75 23.49 16.84
N SER A 109 -3.13 23.25 18.09
CA SER A 109 -3.01 24.26 19.12
C SER A 109 -1.54 24.53 19.44
N GLU A 110 -1.27 25.74 19.94
CA GLU A 110 0.06 26.03 20.47
C GLU A 110 0.40 25.09 21.63
N ASN A 111 -0.61 24.62 22.35
CA ASN A 111 -0.37 23.70 23.45
C ASN A 111 0.19 22.37 22.97
N VAL A 112 -0.32 21.84 21.85
CA VAL A 112 0.16 20.57 21.34
C VAL A 112 1.62 20.67 20.90
N LEU A 113 2.01 21.84 20.37
CA LEU A 113 3.39 22.06 19.99
C LEU A 113 4.33 22.01 21.20
N THR A 114 3.80 22.35 22.38
CA THR A 114 4.60 22.29 23.61
C THR A 114 5.01 20.86 23.93
N ASP A 115 4.08 19.90 23.78
CA ASP A 115 4.38 18.52 24.16
C ASP A 115 5.41 17.90 23.24
N ILE A 116 5.40 18.30 21.95
CA ILE A 116 6.41 17.80 21.02
C ILE A 116 7.79 18.31 21.38
N LYS A 117 7.89 19.59 21.75
CA LYS A 117 9.16 20.12 22.23
C LYS A 117 9.62 19.38 23.48
N LEU A 118 8.69 19.08 24.39
CA LEU A 118 9.02 18.34 25.61
C LEU A 118 9.27 16.86 25.36
N GLY A 119 9.02 16.38 24.14
CA GLY A 119 9.34 15.01 23.78
C GLY A 119 8.29 13.96 24.05
N LYS A 120 7.01 14.31 24.04
CA LYS A 120 5.99 13.30 24.34
C LYS A 120 5.85 12.29 23.21
N TYR A 121 5.92 12.74 21.97
CA TYR A 121 5.54 11.95 20.80
C TYR A 121 6.77 11.31 20.17
N ARG A 122 6.78 9.96 20.13
CA ARG A 122 7.88 9.26 19.46
C ARG A 122 7.81 9.43 17.95
N ILE A 123 6.61 9.56 17.40
CA ILE A 123 6.42 9.61 15.96
C ILE A 123 5.51 10.79 15.64
N VAL A 124 5.99 11.70 14.78
CA VAL A 124 5.28 12.90 14.41
C VAL A 124 5.00 12.85 12.91
N TYR A 125 3.75 13.06 12.53
CA TYR A 125 3.31 13.06 11.15
C TYR A 125 3.02 14.48 10.68
N VAL A 126 3.52 14.83 9.49
CA VAL A 126 3.32 16.13 8.87
C VAL A 126 3.14 15.93 7.38
N THR A 127 2.46 16.90 6.75
CA THR A 127 2.34 16.93 5.30
C THR A 127 3.56 17.62 4.69
N PRO A 128 3.84 17.36 3.40
CA PRO A 128 4.97 18.04 2.76
C PRO A 128 4.89 19.55 2.81
N GLU A 129 3.68 20.12 2.78
CA GLU A 129 3.52 21.57 2.87
C GLU A 129 3.90 22.09 4.26
N TYR A 130 3.45 21.41 5.32
CA TYR A 130 3.73 21.89 6.66
C TYR A 130 5.23 21.88 6.93
N CYS A 131 5.92 20.85 6.45
CA CYS A 131 7.34 20.70 6.73
C CYS A 131 8.16 21.86 6.19
N SER A 132 7.72 22.46 5.07
CA SER A 132 8.48 23.55 4.46
C SER A 132 8.47 24.79 5.34
N GLY A 133 7.33 25.12 5.93
CA GLY A 133 7.19 26.36 6.64
C GLY A 133 7.53 26.36 8.12
N ASN A 134 8.04 25.25 8.66
CA ASN A 134 8.37 25.17 10.09
C ASN A 134 9.71 24.49 10.30
N MET A 135 10.71 24.88 9.50
CA MET A 135 12.03 24.26 9.59
C MET A 135 12.73 24.61 10.90
N GLY A 136 12.60 25.85 11.37
CA GLY A 136 13.19 26.19 12.65
C GLY A 136 12.64 25.34 13.78
N LEU A 137 11.35 25.01 13.71
CA LEU A 137 10.76 24.13 14.70
C LEU A 137 11.44 22.76 14.69
N LEU A 138 11.74 22.22 13.50
CA LEU A 138 12.38 20.92 13.42
C LEU A 138 13.78 20.94 14.02
N GLN A 139 14.54 21.99 13.74
CA GLN A 139 15.90 22.07 14.26
C GLN A 139 15.90 22.14 15.78
N GLN A 140 14.93 22.86 16.37
CA GLN A 140 14.76 22.83 17.82
C GLN A 140 14.47 21.42 18.32
N LEU A 141 13.60 20.69 17.61
CA LEU A 141 13.37 19.29 17.94
C LEU A 141 14.63 18.48 17.77
N GLU A 142 15.41 18.77 16.73
CA GLU A 142 16.71 18.10 16.60
C GLU A 142 17.62 18.46 17.77
N ALA A 143 17.69 19.75 18.13
CA ALA A 143 18.60 20.17 19.19
C ALA A 143 18.13 19.70 20.57
N ASP A 144 16.84 19.87 20.86
CA ASP A 144 16.33 19.58 22.20
C ASP A 144 16.09 18.09 22.42
N ILE A 145 15.25 17.48 21.58
CA ILE A 145 14.88 16.07 21.76
C ILE A 145 15.80 15.15 20.98
N GLY A 146 15.96 15.40 19.68
CA GLY A 146 16.74 14.53 18.84
C GLY A 146 15.87 13.70 17.91
N ILE A 147 16.19 13.71 16.62
CA ILE A 147 15.41 13.01 15.60
C ILE A 147 16.17 11.76 15.17
N THR A 148 15.49 10.62 15.25
CA THR A 148 16.11 9.37 14.80
C THR A 148 16.14 9.27 13.27
N LEU A 149 15.07 9.68 12.60
CA LEU A 149 14.99 9.54 11.16
C LEU A 149 13.91 10.47 10.61
N ILE A 150 13.98 10.71 9.30
CA ILE A 150 12.93 11.38 8.56
C ILE A 150 12.43 10.39 7.51
N ALA A 151 11.13 10.14 7.51
CA ALA A 151 10.52 9.19 6.57
C ALA A 151 9.72 9.99 5.57
N VAL A 152 10.15 9.97 4.31
CA VAL A 152 9.44 10.61 3.21
C VAL A 152 8.79 9.51 2.41
N ASP A 153 7.51 9.25 2.71
CA ASP A 153 6.82 8.09 2.17
C ASP A 153 6.70 8.16 0.66
N GLU A 154 5.85 9.05 0.14
CA GLU A 154 5.60 9.20 -1.29
C GLU A 154 5.61 7.86 -2.03
N ALA A 155 5.08 6.82 -1.39
CA ALA A 155 4.79 5.55 -2.03
C ALA A 155 3.29 5.36 -2.28
N HIS A 156 2.48 6.35 -1.91
CA HIS A 156 1.07 6.42 -2.30
C HIS A 156 0.81 7.61 -3.22
N CYS A 157 1.87 8.13 -3.85
CA CYS A 157 1.81 9.37 -4.61
C CYS A 157 0.94 9.21 -5.86
N ILE A 158 -0.10 10.04 -5.97
CA ILE A 158 -1.00 10.04 -7.13
C ILE A 158 -1.20 11.48 -7.59
N SER A 159 -0.93 11.74 -8.87
CA SER A 159 -1.19 13.01 -9.56
C SER A 159 -0.46 14.20 -8.95
N GLU A 160 0.52 13.97 -8.07
CA GLU A 160 1.30 15.07 -7.48
C GLU A 160 2.28 15.65 -8.49
N ARG A 166 5.14 17.79 -7.68
CA ARG A 166 4.63 19.13 -7.44
C ARG A 166 5.68 19.93 -6.66
N ASP A 167 5.43 21.23 -6.47
CA ASP A 167 6.30 22.05 -5.64
C ASP A 167 6.46 21.47 -4.24
N SER A 168 5.42 20.80 -3.74
CA SER A 168 5.46 20.27 -2.37
C SER A 168 6.62 19.28 -2.19
N PHE A 169 6.91 18.49 -3.22
CA PHE A 169 7.94 17.46 -3.11
C PHE A 169 9.33 17.95 -3.45
N ARG A 170 9.47 19.05 -4.19
CA ARG A 170 10.78 19.60 -4.50
C ARG A 170 11.26 20.62 -3.47
N LYS A 171 10.41 20.98 -2.50
CA LYS A 171 10.78 21.84 -1.38
C LYS A 171 11.38 21.07 -0.22
N LEU A 172 11.55 19.75 -0.34
CA LEU A 172 12.16 18.94 0.71
C LEU A 172 13.67 18.75 0.52
N GLY A 173 14.27 19.35 -0.50
CA GLY A 173 15.71 19.32 -0.62
C GLY A 173 16.44 20.06 0.48
N SER A 174 15.72 20.86 1.26
CA SER A 174 16.30 21.62 2.37
C SER A 174 16.45 20.81 3.64
N LEU A 175 15.88 19.60 3.71
CA LEU A 175 15.99 18.78 4.92
C LEU A 175 17.44 18.43 5.22
N LYS A 176 18.16 17.95 4.20
CA LYS A 176 19.57 17.63 4.44
C LYS A 176 20.39 18.88 4.71
N THR A 177 19.96 20.04 4.21
CA THR A 177 20.63 21.28 4.55
C THR A 177 20.44 21.62 6.04
N ALA A 178 19.18 21.70 6.49
CA ALA A 178 18.91 22.10 7.86
C ALA A 178 19.24 20.99 8.86
N LEU A 179 19.11 19.74 8.46
CA LEU A 179 19.29 18.60 9.35
C LEU A 179 20.29 17.63 8.71
N PRO A 180 21.57 18.03 8.63
CA PRO A 180 22.56 17.18 7.95
C PRO A 180 22.79 15.84 8.63
N MET A 181 22.59 15.77 9.93
CA MET A 181 22.87 14.56 10.69
C MET A 181 21.70 13.57 10.74
N VAL A 182 20.53 13.96 10.26
CA VAL A 182 19.32 13.13 10.40
C VAL A 182 19.21 12.24 9.16
N PRO A 183 19.19 10.92 9.31
CA PRO A 183 18.98 10.04 8.16
C PRO A 183 17.57 10.19 7.60
N ILE A 184 17.42 9.86 6.32
CA ILE A 184 16.15 9.92 5.62
C ILE A 184 15.88 8.56 5.00
N VAL A 185 14.72 7.98 5.29
CA VAL A 185 14.26 6.77 4.63
C VAL A 185 13.23 7.17 3.59
N ALA A 186 13.50 6.87 2.33
CA ALA A 186 12.58 7.12 1.23
C ALA A 186 11.95 5.79 0.84
N LEU A 187 10.71 5.57 1.24
CA LEU A 187 9.95 4.42 0.79
C LEU A 187 9.40 4.65 -0.60
N THR A 188 9.48 3.65 -1.45
CA THR A 188 8.95 3.77 -2.81
C THR A 188 8.28 2.45 -3.19
N ALA A 189 7.46 2.52 -4.23
CA ALA A 189 6.64 1.39 -4.65
C ALA A 189 7.17 0.66 -5.87
N THR A 190 8.12 1.24 -6.59
CA THR A 190 8.74 0.62 -7.76
C THR A 190 10.25 0.51 -7.57
N ALA A 191 10.85 -0.45 -8.26
CA ALA A 191 12.31 -0.61 -8.30
C ALA A 191 12.94 0.25 -9.39
N SER A 192 12.17 1.13 -10.02
CA SER A 192 12.65 1.89 -11.16
C SER A 192 13.89 2.69 -10.83
N SER A 193 14.89 2.59 -11.72
CA SER A 193 16.09 3.41 -11.62
C SER A 193 15.77 4.89 -11.80
N SER A 194 14.86 5.22 -12.73
CA SER A 194 14.50 6.61 -12.94
C SER A 194 13.88 7.22 -11.69
N ILE A 195 13.00 6.47 -11.03
CA ILE A 195 12.43 6.99 -9.79
C ILE A 195 13.52 7.15 -8.73
N ARG A 196 14.38 6.14 -8.59
CA ARG A 196 15.39 6.17 -7.54
C ARG A 196 16.35 7.34 -7.71
N GLU A 197 16.75 7.62 -8.96
CA GLU A 197 17.62 8.77 -9.22
C GLU A 197 16.92 10.09 -8.88
N ASP A 198 15.65 10.21 -9.26
CA ASP A 198 14.91 11.44 -8.94
C ASP A 198 14.82 11.65 -7.44
N ILE A 199 14.49 10.59 -6.68
CA ILE A 199 14.37 10.69 -5.24
C ILE A 199 15.70 11.12 -4.61
N VAL A 200 16.80 10.58 -5.11
CA VAL A 200 18.09 10.88 -4.50
C VAL A 200 18.45 12.35 -4.71
N ARG A 201 18.18 12.87 -5.91
CA ARG A 201 18.45 14.28 -6.20
C ARG A 201 17.51 15.21 -5.43
N CYS A 202 16.21 14.87 -5.35
CA CYS A 202 15.26 15.71 -4.65
C CYS A 202 15.60 15.83 -3.18
N LEU A 203 15.95 14.73 -2.53
CA LEU A 203 16.19 14.75 -1.09
C LEU A 203 17.64 15.03 -0.72
N ASN A 204 18.55 15.14 -1.70
CA ASN A 204 19.99 15.30 -1.44
C ASN A 204 20.53 14.17 -0.57
N LEU A 205 20.16 12.93 -0.90
CA LEU A 205 20.60 11.80 -0.12
C LEU A 205 22.09 11.52 -0.34
N ARG A 206 22.77 11.07 0.70
CA ARG A 206 24.20 10.84 0.67
C ARG A 206 24.47 9.34 0.67
N ASN A 207 24.92 8.83 -0.48
CA ASN A 207 25.28 7.43 -0.65
C ASN A 207 24.23 6.50 -0.04
N PRO A 208 22.97 6.61 -0.47
CA PRO A 208 21.89 5.92 0.24
C PRO A 208 21.97 4.42 0.06
N GLN A 209 21.63 3.70 1.12
CA GLN A 209 21.49 2.26 1.01
C GLN A 209 20.20 1.92 0.25
N ILE A 210 20.32 1.02 -0.72
CA ILE A 210 19.19 0.63 -1.55
C ILE A 210 18.78 -0.79 -1.19
N THR A 211 17.51 -0.99 -0.91
CA THR A 211 16.95 -2.31 -0.68
C THR A 211 15.69 -2.48 -1.50
N CYS A 212 15.34 -3.75 -1.70
CA CYS A 212 14.15 -4.14 -2.45
C CYS A 212 13.65 -5.46 -1.88
N THR A 213 12.38 -5.49 -1.48
CA THR A 213 11.76 -6.69 -0.93
C THR A 213 11.36 -7.70 -2.00
N GLY A 214 11.27 -7.27 -3.25
CA GLY A 214 10.52 -8.00 -4.25
C GLY A 214 9.04 -7.70 -4.14
N PHE A 215 8.26 -8.20 -5.10
CA PHE A 215 6.86 -7.83 -5.20
C PHE A 215 5.89 -9.01 -5.29
N ASP A 216 6.35 -10.24 -5.11
CA ASP A 216 5.48 -11.39 -5.25
C ASP A 216 4.58 -11.55 -4.03
N ARG A 217 3.38 -12.06 -4.26
CA ARG A 217 2.45 -12.48 -3.21
C ARG A 217 1.97 -13.88 -3.58
N PRO A 218 2.75 -14.92 -3.25
CA PRO A 218 2.45 -16.25 -3.81
C PRO A 218 1.09 -16.80 -3.42
N ASN A 219 0.46 -16.30 -2.37
CA ASN A 219 -0.81 -16.83 -1.91
C ASN A 219 -2.01 -16.14 -2.54
N LEU A 220 -1.78 -15.31 -3.56
CA LEU A 220 -2.84 -14.66 -4.32
C LEU A 220 -2.93 -15.31 -5.69
N TYR A 221 -4.10 -15.87 -6.01
CA TYR A 221 -4.39 -16.40 -7.33
C TYR A 221 -5.03 -15.31 -8.18
N LEU A 222 -4.55 -15.14 -9.42
CA LEU A 222 -4.92 -14.02 -10.28
C LEU A 222 -5.77 -14.50 -11.45
N GLU A 223 -7.00 -13.99 -11.54
CA GLU A 223 -7.92 -14.34 -12.60
C GLU A 223 -8.47 -13.07 -13.25
N VAL A 224 -8.71 -13.15 -14.56
CA VAL A 224 -9.37 -12.08 -15.31
C VAL A 224 -10.52 -12.69 -16.10
N ARG A 225 -11.65 -12.01 -16.07
CA ARG A 225 -12.87 -12.49 -16.69
C ARG A 225 -13.62 -11.31 -17.29
N ARG A 226 -14.37 -11.58 -18.36
CA ARG A 226 -15.21 -10.57 -18.98
C ARG A 226 -16.55 -10.48 -18.25
N LYS A 227 -17.13 -9.28 -18.27
CA LYS A 227 -18.45 -9.10 -17.70
C LYS A 227 -19.51 -9.77 -18.57
N THR A 228 -20.64 -10.11 -17.95
CA THR A 228 -21.71 -10.82 -18.65
C THR A 228 -22.91 -9.95 -18.98
N GLY A 229 -22.96 -8.71 -18.48
CA GLY A 229 -24.03 -7.79 -18.77
C GLY A 229 -24.89 -7.42 -17.59
N ASN A 230 -24.77 -8.12 -16.48
CA ASN A 230 -25.60 -7.89 -15.32
C ASN A 230 -24.80 -8.16 -14.05
N ILE A 231 -25.00 -7.33 -13.03
CA ILE A 231 -24.15 -7.41 -11.84
C ILE A 231 -24.33 -8.75 -11.14
N LEU A 232 -25.58 -9.17 -10.93
CA LEU A 232 -25.81 -10.40 -10.19
C LEU A 232 -25.21 -11.61 -10.90
N GLN A 233 -25.31 -11.66 -12.23
CA GLN A 233 -24.77 -12.81 -12.94
C GLN A 233 -23.26 -12.88 -12.82
N ASP A 234 -22.60 -11.71 -12.77
CA ASP A 234 -21.14 -11.66 -12.63
C ASP A 234 -20.70 -12.10 -11.23
N LEU A 235 -21.48 -11.78 -10.21
CA LEU A 235 -21.10 -12.10 -8.84
C LEU A 235 -21.56 -13.49 -8.42
N GLN A 236 -22.45 -14.12 -9.18
CA GLN A 236 -22.95 -15.43 -8.78
C GLN A 236 -21.84 -16.46 -8.56
N PRO A 237 -20.83 -16.59 -9.44
CA PRO A 237 -19.77 -17.58 -9.16
C PRO A 237 -19.04 -17.36 -7.86
N PHE A 238 -19.06 -16.14 -7.31
CA PHE A 238 -18.33 -15.84 -6.09
C PHE A 238 -19.17 -16.05 -4.83
N LEU A 239 -20.41 -16.49 -4.99
CA LEU A 239 -21.33 -16.70 -3.88
C LEU A 239 -21.58 -18.18 -3.65
N VAL A 240 -21.64 -18.57 -2.38
CA VAL A 240 -22.07 -19.91 -1.98
C VAL A 240 -23.42 -19.78 -1.30
N LYS A 241 -24.21 -20.84 -1.34
CA LYS A 241 -25.58 -20.79 -0.83
C LYS A 241 -25.71 -21.69 0.39
N THR A 242 -25.86 -21.08 1.56
CA THR A 242 -26.51 -21.76 2.68
C THR A 242 -27.97 -22.00 2.32
N SER A 243 -28.55 -23.07 2.85
CA SER A 243 -29.94 -23.41 2.50
C SER A 243 -30.87 -22.23 2.76
N SER A 244 -30.55 -21.38 3.74
CA SER A 244 -31.32 -20.19 4.04
C SER A 244 -30.92 -18.98 3.19
N HIS A 245 -29.62 -18.74 3.01
CA HIS A 245 -29.14 -17.46 2.48
C HIS A 245 -27.95 -17.64 1.55
N TRP A 246 -27.68 -16.60 0.75
CA TRP A 246 -26.47 -16.52 -0.06
C TRP A 246 -25.38 -15.77 0.72
N GLU A 247 -24.13 -16.14 0.46
CA GLU A 247 -22.97 -15.52 1.09
C GLU A 247 -21.75 -15.66 0.18
N PHE A 248 -20.76 -14.82 0.43
CA PHE A 248 -19.46 -15.01 -0.21
C PHE A 248 -18.74 -16.19 0.43
N GLU A 249 -17.80 -16.77 -0.31
CA GLU A 249 -17.03 -17.89 0.24
C GLU A 249 -16.18 -17.44 1.42
N GLY A 250 -15.77 -16.17 1.44
CA GLY A 250 -15.02 -15.62 2.53
C GLY A 250 -15.07 -14.10 2.50
N PRO A 251 -14.36 -13.46 3.43
CA PRO A 251 -14.30 -11.98 3.42
C PRO A 251 -13.84 -11.47 2.06
N THR A 252 -14.55 -10.49 1.54
CA THR A 252 -14.36 -10.06 0.16
C THR A 252 -14.29 -8.53 0.12
N ILE A 253 -13.39 -8.00 -0.72
CA ILE A 253 -13.39 -6.59 -1.07
C ILE A 253 -13.78 -6.48 -2.54
N ILE A 254 -14.65 -5.52 -2.85
CA ILE A 254 -15.05 -5.26 -4.23
C ILE A 254 -14.64 -3.82 -4.57
N TYR A 255 -13.64 -3.68 -5.43
CA TYR A 255 -13.16 -2.37 -5.87
C TYR A 255 -13.97 -1.92 -7.08
N CYS A 256 -14.48 -0.69 -7.01
CA CYS A 256 -15.28 -0.07 -8.05
C CYS A 256 -14.60 1.19 -8.59
N PRO A 257 -14.82 1.51 -9.86
CA PRO A 257 -14.17 2.70 -10.45
C PRO A 257 -14.78 4.02 -10.01
N SER A 258 -15.95 4.01 -9.40
CA SER A 258 -16.62 5.25 -9.01
C SER A 258 -17.63 4.92 -7.92
N ARG A 259 -18.08 5.97 -7.23
CA ARG A 259 -19.06 5.75 -6.17
C ARG A 259 -20.44 5.47 -6.75
N LYS A 260 -20.72 5.92 -7.98
CA LYS A 260 -21.96 5.53 -8.64
C LYS A 260 -22.00 4.01 -8.85
N MET A 261 -20.91 3.43 -9.33
CA MET A 261 -20.91 1.98 -9.54
C MET A 261 -20.91 1.24 -8.19
N THR A 262 -20.32 1.84 -7.16
CA THR A 262 -20.41 1.28 -5.81
C THR A 262 -21.86 1.18 -5.35
N GLN A 263 -22.66 2.21 -5.61
CA GLN A 263 -24.04 2.13 -5.18
C GLN A 263 -24.82 1.13 -6.02
N GLN A 264 -24.46 0.94 -7.29
CA GLN A 264 -25.10 -0.09 -8.11
C GLN A 264 -24.76 -1.48 -7.61
N VAL A 265 -23.49 -1.72 -7.30
CA VAL A 265 -23.12 -3.01 -6.76
C VAL A 265 -23.75 -3.23 -5.39
N THR A 266 -23.78 -2.18 -4.56
CA THR A 266 -24.43 -2.29 -3.26
C THR A 266 -25.89 -2.66 -3.42
N GLY A 267 -26.59 -2.03 -4.36
CA GLY A 267 -28.01 -2.31 -4.54
C GLY A 267 -28.28 -3.77 -4.86
N GLU A 268 -27.46 -4.37 -5.72
CA GLU A 268 -27.70 -5.77 -6.08
C GLU A 268 -27.42 -6.70 -4.92
N LEU A 269 -26.41 -6.40 -4.11
CA LEU A 269 -26.10 -7.27 -2.99
C LEU A 269 -27.18 -7.23 -1.92
N ARG A 270 -27.89 -6.11 -1.78
CA ARG A 270 -29.02 -6.07 -0.85
C ARG A 270 -30.12 -7.05 -1.25
N LYS A 271 -30.30 -7.25 -2.56
CA LYS A 271 -31.33 -8.17 -3.02
C LYS A 271 -31.12 -9.57 -2.48
N LEU A 272 -29.87 -9.92 -2.19
CA LEU A 272 -29.49 -11.19 -1.59
C LEU A 272 -29.31 -11.10 -0.08
N ASN A 273 -29.50 -9.92 0.50
CA ASN A 273 -29.32 -9.67 1.93
C ASN A 273 -27.91 -10.08 2.38
N LEU A 274 -26.92 -9.41 1.80
CA LEU A 274 -25.52 -9.64 2.12
C LEU A 274 -24.98 -8.47 2.94
N SER A 275 -24.29 -8.80 4.03
CA SER A 275 -23.67 -7.78 4.89
C SER A 275 -22.63 -7.00 4.09
N CYS A 276 -22.93 -5.75 3.74
CA CYS A 276 -22.02 -4.96 2.92
C CYS A 276 -21.67 -3.63 3.59
N GLY A 277 -20.49 -3.16 3.24
CA GLY A 277 -20.07 -1.83 3.61
C GLY A 277 -19.42 -1.14 2.43
N THR A 278 -19.49 0.18 2.46
CA THR A 278 -18.86 1.01 1.46
C THR A 278 -17.71 1.76 2.10
N TYR A 279 -16.68 2.02 1.30
CA TYR A 279 -15.46 2.66 1.75
C TYR A 279 -15.02 3.65 0.69
N HIS A 280 -15.04 4.94 1.03
CA HIS A 280 -14.81 6.02 0.08
C HIS A 280 -13.79 7.00 0.64
N ALA A 281 -13.52 8.07 -0.11
CA ALA A 281 -12.37 8.93 0.11
C ALA A 281 -12.63 10.13 1.00
N GLY A 282 -13.86 10.35 1.45
CA GLY A 282 -14.07 11.48 2.32
C GLY A 282 -14.64 11.11 3.67
N MET A 283 -14.42 9.87 4.10
CA MET A 283 -15.09 9.39 5.29
C MET A 283 -14.40 9.93 6.54
N SER A 284 -15.19 10.07 7.59
CA SER A 284 -14.66 10.64 8.81
C SER A 284 -13.86 9.59 9.57
N PHE A 285 -13.20 10.04 10.62
CA PHE A 285 -12.44 9.12 11.47
C PHE A 285 -13.36 8.10 12.13
N SER A 286 -14.52 8.54 12.61
CA SER A 286 -15.47 7.61 13.21
C SER A 286 -15.96 6.59 12.20
N THR A 287 -16.35 7.06 11.02
CA THR A 287 -16.84 6.15 9.99
C THR A 287 -15.78 5.13 9.61
N ARG A 288 -14.52 5.57 9.54
CA ARG A 288 -13.46 4.63 9.18
C ARG A 288 -13.18 3.65 10.31
N LYS A 289 -13.27 4.10 11.57
CA LYS A 289 -13.09 3.17 12.68
C LYS A 289 -14.30 2.23 12.81
N ASP A 290 -15.49 2.68 12.39
CA ASP A 290 -16.65 1.77 12.40
C ASP A 290 -16.52 0.68 11.34
N ILE A 291 -16.10 1.03 10.12
CA ILE A 291 -15.93 0.02 9.09
C ILE A 291 -14.86 -0.97 9.50
N HIS A 292 -13.76 -0.46 10.04
CA HIS A 292 -12.70 -1.36 10.48
C HIS A 292 -13.23 -2.39 11.50
N HIS A 293 -13.88 -1.92 12.58
CA HIS A 293 -14.41 -2.85 13.57
C HIS A 293 -15.35 -3.85 12.93
N ARG A 294 -16.30 -3.37 12.12
CA ARG A 294 -17.24 -4.30 11.53
C ARG A 294 -16.55 -5.28 10.58
N PHE A 295 -15.55 -4.82 9.82
CA PHE A 295 -14.92 -5.71 8.86
C PHE A 295 -14.07 -6.78 9.55
N VAL A 296 -13.27 -6.39 10.55
CA VAL A 296 -12.41 -7.38 11.19
C VAL A 296 -13.24 -8.37 12.02
N ARG A 297 -14.31 -7.90 12.68
CA ARG A 297 -15.18 -8.81 13.42
C ARG A 297 -16.10 -9.62 12.52
N ASP A 298 -15.96 -9.51 11.20
CA ASP A 298 -16.79 -10.25 10.24
C ASP A 298 -18.27 -9.88 10.34
N GLU A 299 -18.60 -8.75 10.97
CA GLU A 299 -19.99 -8.34 11.03
C GLU A 299 -20.49 -7.84 9.68
N ILE A 300 -19.59 -7.54 8.73
CA ILE A 300 -19.93 -7.35 7.32
C ILE A 300 -19.07 -8.28 6.49
N GLN A 301 -19.70 -9.00 5.56
CA GLN A 301 -18.99 -9.98 4.75
C GLN A 301 -18.10 -9.32 3.69
N CYS A 302 -18.48 -8.14 3.23
CA CYS A 302 -17.95 -7.61 1.99
C CYS A 302 -17.83 -6.09 2.08
N VAL A 303 -16.70 -5.56 1.63
CA VAL A 303 -16.49 -4.12 1.54
C VAL A 303 -16.38 -3.74 0.08
N ILE A 304 -17.25 -2.84 -0.35
CA ILE A 304 -17.18 -2.24 -1.68
C ILE A 304 -16.44 -0.92 -1.54
N ALA A 305 -15.27 -0.80 -2.18
CA ALA A 305 -14.36 0.30 -1.94
C ALA A 305 -14.06 1.09 -3.22
N THR A 306 -13.92 2.41 -3.06
CA THR A 306 -13.39 3.30 -4.10
C THR A 306 -11.99 3.81 -3.79
N ILE A 307 -11.43 3.44 -2.63
CA ILE A 307 -10.05 3.76 -2.28
C ILE A 307 -9.38 2.47 -1.86
N ALA A 308 -8.05 2.50 -1.87
CA ALA A 308 -7.25 1.29 -1.66
C ALA A 308 -6.36 1.42 -0.44
N PHE A 309 -6.76 2.21 0.55
CA PHE A 309 -5.92 2.36 1.73
C PHE A 309 -6.79 2.80 2.91
N GLY A 310 -6.24 2.59 4.09
CA GLY A 310 -6.86 3.08 5.31
C GLY A 310 -7.33 1.94 6.18
N MET A 311 -7.84 2.34 7.35
CA MET A 311 -8.29 1.39 8.37
C MET A 311 -9.32 0.41 7.83
N GLY A 312 -10.32 0.91 7.11
CA GLY A 312 -11.51 0.11 6.86
C GLY A 312 -11.21 -1.22 6.18
N ILE A 313 -10.30 -1.21 5.20
CA ILE A 313 -9.97 -2.42 4.47
C ILE A 313 -8.74 -3.10 5.02
N ASN A 314 -8.29 -2.70 6.19
CA ASN A 314 -7.09 -3.30 6.77
C ASN A 314 -7.50 -4.51 7.59
N LYS A 315 -7.57 -5.67 6.95
CA LYS A 315 -8.01 -6.92 7.56
C LYS A 315 -7.03 -8.02 7.18
N ALA A 316 -6.81 -8.97 8.09
CA ALA A 316 -5.77 -9.97 7.86
C ALA A 316 -6.22 -11.16 7.03
N ASP A 317 -7.51 -11.47 7.03
CA ASP A 317 -8.02 -12.69 6.42
C ASP A 317 -9.02 -12.37 5.32
N ILE A 318 -8.70 -11.42 4.46
CA ILE A 318 -9.53 -11.18 3.28
C ILE A 318 -9.24 -12.29 2.28
N ARG A 319 -10.28 -13.04 1.90
CA ARG A 319 -10.06 -14.20 1.05
C ARG A 319 -10.20 -13.89 -0.43
N GLN A 320 -11.09 -12.98 -0.79
CA GLN A 320 -11.39 -12.68 -2.19
C GLN A 320 -11.32 -11.18 -2.43
N VAL A 321 -10.75 -10.81 -3.58
CA VAL A 321 -10.79 -9.44 -4.08
C VAL A 321 -11.39 -9.49 -5.47
N ILE A 322 -12.39 -8.65 -5.71
CA ILE A 322 -13.04 -8.54 -7.02
C ILE A 322 -12.87 -7.10 -7.49
N HIS A 323 -12.30 -6.94 -8.69
CA HIS A 323 -12.34 -5.64 -9.36
C HIS A 323 -13.57 -5.64 -10.26
N TYR A 324 -14.56 -4.80 -9.91
CA TYR A 324 -15.77 -4.73 -10.75
C TYR A 324 -15.58 -3.57 -11.73
N GLY A 325 -14.80 -3.85 -12.77
CA GLY A 325 -14.36 -2.86 -13.72
C GLY A 325 -12.84 -2.86 -13.88
N ALA A 326 -12.35 -2.41 -15.03
CA ALA A 326 -10.91 -2.36 -15.26
C ALA A 326 -10.25 -1.37 -14.29
N PRO A 327 -9.14 -1.74 -13.66
CA PRO A 327 -8.38 -0.79 -12.82
C PRO A 327 -7.73 0.31 -13.66
N LYS A 328 -7.43 1.43 -12.99
CA LYS A 328 -6.85 2.57 -13.68
C LYS A 328 -5.48 2.24 -14.26
N ASP A 329 -4.66 1.52 -13.51
CA ASP A 329 -3.28 1.22 -13.89
C ASP A 329 -2.77 0.08 -13.01
N MET A 330 -1.54 -0.37 -13.33
CA MET A 330 -0.90 -1.46 -12.60
C MET A 330 -0.60 -1.07 -11.15
N GLU A 331 -0.15 0.16 -10.93
CA GLU A 331 0.19 0.60 -9.57
C GLU A 331 -1.04 0.56 -8.68
N SER A 332 -2.18 1.05 -9.16
CA SER A 332 -3.41 0.95 -8.38
C SER A 332 -3.83 -0.52 -8.22
N TYR A 333 -3.74 -1.29 -9.30
CA TYR A 333 -4.16 -2.69 -9.26
C TYR A 333 -3.33 -3.47 -8.24
N TYR A 334 -2.00 -3.31 -8.26
CA TYR A 334 -1.17 -4.05 -7.33
C TYR A 334 -1.51 -3.68 -5.89
N GLN A 335 -1.67 -2.40 -5.60
CA GLN A 335 -2.06 -1.99 -4.25
C GLN A 335 -3.42 -2.56 -3.87
N GLU A 336 -4.38 -2.54 -4.80
CA GLU A 336 -5.72 -2.97 -4.47
C GLU A 336 -5.76 -4.45 -4.10
N ILE A 337 -5.09 -5.29 -4.89
CA ILE A 337 -5.14 -6.72 -4.60
C ILE A 337 -4.27 -7.09 -3.39
N GLY A 338 -3.26 -6.28 -3.08
CA GLY A 338 -2.38 -6.56 -1.97
C GLY A 338 -3.05 -6.52 -0.60
N ARG A 339 -4.31 -6.10 -0.53
CA ARG A 339 -5.02 -6.16 0.74
C ARG A 339 -5.45 -7.58 1.09
N ALA A 340 -5.46 -8.48 0.12
CA ALA A 340 -5.95 -9.84 0.32
C ALA A 340 -4.87 -10.74 0.89
N GLY A 341 -5.31 -11.80 1.57
CA GLY A 341 -4.41 -12.86 2.02
C GLY A 341 -3.26 -12.42 2.89
N ARG A 342 -3.42 -11.34 3.65
CA ARG A 342 -2.30 -10.89 4.47
C ARG A 342 -1.94 -11.89 5.56
N ASP A 343 -2.78 -12.89 5.81
CA ASP A 343 -2.49 -13.97 6.73
C ASP A 343 -1.65 -15.07 6.11
N GLY A 344 -1.33 -14.98 4.82
CA GLY A 344 -0.50 -15.98 4.17
C GLY A 344 -1.25 -17.19 3.66
N LEU A 345 -2.56 -17.25 3.85
CA LEU A 345 -3.42 -18.34 3.38
C LEU A 345 -3.98 -18.00 1.99
N GLN A 346 -4.57 -19.00 1.35
CA GLN A 346 -4.94 -18.87 -0.06
C GLN A 346 -5.97 -17.76 -0.26
N SER A 347 -5.76 -16.98 -1.32
CA SER A 347 -6.72 -15.94 -1.69
C SER A 347 -6.76 -15.84 -3.20
N SER A 348 -7.84 -15.23 -3.68
CA SER A 348 -8.10 -15.07 -5.10
C SER A 348 -8.39 -13.61 -5.40
N CYS A 349 -7.94 -13.16 -6.56
CA CYS A 349 -8.14 -11.79 -7.02
C CYS A 349 -8.66 -11.84 -8.45
N HIS A 350 -9.95 -11.51 -8.62
CA HIS A 350 -10.61 -11.55 -9.92
C HIS A 350 -10.88 -10.15 -10.43
N VAL A 351 -10.56 -9.92 -11.70
CA VAL A 351 -10.98 -8.73 -12.41
C VAL A 351 -12.17 -9.08 -13.29
N LEU A 352 -13.24 -8.32 -13.17
CA LEU A 352 -14.37 -8.43 -14.08
C LEU A 352 -14.38 -7.16 -14.93
N TRP A 353 -14.22 -7.30 -16.25
CA TRP A 353 -13.98 -6.15 -17.09
C TRP A 353 -14.72 -6.27 -18.40
N ALA A 354 -14.97 -5.12 -19.01
CA ALA A 354 -15.50 -5.00 -20.35
C ALA A 354 -14.69 -3.97 -21.12
N PRO A 355 -14.64 -4.06 -22.43
CA PRO A 355 -13.88 -3.06 -23.20
C PRO A 355 -14.41 -1.64 -23.02
N ALA A 356 -15.66 -1.48 -22.61
CA ALA A 356 -16.28 -0.17 -22.44
C ALA A 356 -16.07 0.41 -21.05
N ASP A 357 -15.23 -0.23 -20.22
CA ASP A 357 -15.01 0.21 -18.85
C ASP A 357 -14.40 1.61 -18.80
N ILE A 358 -14.63 2.30 -17.68
CA ILE A 358 -14.22 3.71 -17.57
C ILE A 358 -12.70 3.84 -17.68
N ASN A 359 -11.97 3.00 -16.95
CA ASN A 359 -10.52 3.08 -16.95
C ASN A 359 -9.89 2.54 -18.22
N LEU A 360 -10.70 2.16 -19.22
CA LEU A 360 -10.22 1.80 -20.55
C LEU A 360 -10.78 2.71 -21.63
N ASN A 361 -11.46 3.80 -21.27
CA ASN A 361 -12.07 4.70 -22.24
C ASN A 361 -11.08 5.79 -22.63
N ARG A 362 -10.58 5.73 -23.86
CA ARG A 362 -9.67 6.75 -24.36
C ARG A 362 -10.38 8.05 -24.72
N HIS A 363 -11.62 7.97 -25.22
CA HIS A 363 -12.31 9.15 -25.71
C HIS A 363 -12.56 10.16 -24.61
N LEU A 364 -12.77 9.70 -23.38
CA LEU A 364 -12.90 10.63 -22.26
C LEU A 364 -11.60 11.39 -22.01
N LEU A 365 -10.45 10.75 -22.28
CA LEU A 365 -9.16 11.37 -21.99
C LEU A 365 -8.90 12.63 -22.80
N THR A 366 -9.57 12.81 -23.95
CA THR A 366 -9.34 14.00 -24.75
C THR A 366 -9.73 15.26 -24.01
N GLU A 367 -10.82 15.20 -23.24
CA GLU A 367 -11.39 16.41 -22.66
C GLU A 367 -10.48 17.03 -21.60
N ILE A 368 -9.81 16.21 -20.81
CA ILE A 368 -8.87 16.76 -19.83
C ILE A 368 -7.64 17.31 -20.55
N ARG A 369 -7.07 18.37 -19.98
CA ARG A 369 -6.16 19.24 -20.74
C ARG A 369 -4.75 18.65 -20.85
N ASN A 370 -4.11 18.39 -19.71
CA ASN A 370 -2.66 18.27 -19.68
C ASN A 370 -2.15 17.17 -20.59
N GLU A 371 -1.21 17.53 -21.45
CA GLU A 371 -0.56 16.60 -22.36
C GLU A 371 0.65 15.96 -21.67
N LYS A 372 0.98 14.74 -22.11
CA LYS A 372 2.01 13.90 -21.53
C LYS A 372 1.58 13.35 -20.17
N PHE A 373 0.46 13.84 -19.62
CA PHE A 373 -0.27 13.07 -18.62
C PHE A 373 -1.42 12.30 -19.24
N ARG A 374 -2.08 12.88 -20.25
CA ARG A 374 -2.95 12.09 -21.10
C ARG A 374 -2.17 10.97 -21.78
N LEU A 375 -0.94 11.26 -22.22
CA LEU A 375 -0.08 10.21 -22.75
C LEU A 375 0.28 9.19 -21.68
N TYR A 376 0.53 9.64 -20.45
CA TYR A 376 0.75 8.69 -19.37
C TYR A 376 -0.53 7.89 -19.09
N LYS A 377 -1.68 8.57 -19.10
CA LYS A 377 -2.95 7.85 -18.99
C LYS A 377 -3.14 6.91 -20.17
N LEU A 378 -2.76 7.35 -21.37
CA LEU A 378 -2.85 6.49 -22.54
C LEU A 378 -1.99 5.25 -22.38
N LYS A 379 -0.73 5.44 -21.98
CA LYS A 379 0.20 4.31 -21.82
C LYS A 379 -0.26 3.37 -20.72
N MET A 380 -0.73 3.90 -19.59
CA MET A 380 -1.26 3.03 -18.54
C MET A 380 -2.55 2.34 -19.01
N MET A 381 -3.38 3.05 -19.76
CA MET A 381 -4.60 2.44 -20.30
C MET A 381 -4.27 1.26 -21.21
N ALA A 382 -3.32 1.46 -22.13
CA ALA A 382 -2.94 0.40 -23.06
C ALA A 382 -2.24 -0.74 -22.35
N LYS A 383 -1.38 -0.42 -21.38
CA LYS A 383 -0.72 -1.46 -20.58
C LYS A 383 -1.75 -2.26 -19.80
N MET A 384 -2.73 -1.59 -19.22
CA MET A 384 -3.76 -2.31 -18.48
C MET A 384 -4.57 -3.20 -19.42
N GLU A 385 -4.90 -2.71 -20.61
CA GLU A 385 -5.65 -3.53 -21.56
C GLU A 385 -4.84 -4.74 -22.00
N LYS A 386 -3.53 -4.57 -22.23
CA LYS A 386 -2.71 -5.71 -22.62
C LYS A 386 -2.72 -6.78 -21.53
N TYR A 387 -2.64 -6.37 -20.26
CA TYR A 387 -2.76 -7.33 -19.17
C TYR A 387 -4.09 -8.08 -19.23
N LEU A 388 -5.20 -7.34 -19.33
CA LEU A 388 -6.48 -8.01 -19.33
C LEU A 388 -6.67 -8.91 -20.53
N HIS A 389 -6.06 -8.56 -21.68
CA HIS A 389 -6.14 -9.38 -22.88
C HIS A 389 -5.14 -10.53 -22.89
N SER A 390 -4.18 -10.55 -21.97
CA SER A 390 -3.07 -11.50 -22.08
C SER A 390 -3.55 -12.94 -21.97
N SER A 391 -2.92 -13.82 -22.74
CA SER A 391 -3.04 -15.25 -22.53
C SER A 391 -1.83 -15.83 -21.82
N ARG A 392 -0.90 -15.01 -21.38
CA ARG A 392 0.32 -15.47 -20.73
C ARG A 392 0.17 -15.34 -19.21
N CYS A 393 1.24 -15.71 -18.50
CA CYS A 393 1.21 -15.67 -17.04
C CYS A 393 0.98 -14.24 -16.56
N ARG A 394 -0.10 -14.07 -15.79
CA ARG A 394 -0.44 -12.73 -15.29
C ARG A 394 0.51 -12.29 -14.19
N ARG A 395 1.06 -13.24 -13.44
CA ARG A 395 2.01 -12.92 -12.39
C ARG A 395 3.29 -12.36 -12.98
N GLN A 396 3.76 -12.94 -14.08
CA GLN A 396 4.97 -12.44 -14.73
C GLN A 396 4.80 -11.01 -15.19
N ILE A 397 3.63 -10.68 -15.76
CA ILE A 397 3.41 -9.32 -16.26
C ILE A 397 3.49 -8.31 -15.12
N ILE A 398 2.84 -8.62 -14.00
CA ILE A 398 2.82 -7.68 -12.88
C ILE A 398 4.20 -7.50 -12.31
N LEU A 399 4.90 -8.60 -12.01
CA LEU A 399 6.22 -8.49 -11.39
C LEU A 399 7.20 -7.78 -12.31
N SER A 400 7.12 -8.04 -13.62
CA SER A 400 8.02 -7.35 -14.55
C SER A 400 7.83 -5.85 -14.50
N HIS A 401 6.61 -5.37 -14.22
CA HIS A 401 6.38 -3.93 -14.21
C HIS A 401 6.99 -3.28 -12.98
N PHE A 402 6.92 -3.95 -11.82
CA PHE A 402 7.43 -3.42 -10.57
C PHE A 402 8.90 -3.68 -10.36
N GLU A 403 9.43 -4.74 -10.96
CA GLU A 403 10.87 -4.93 -10.97
C GLU A 403 11.56 -4.07 -12.02
N ASP A 404 10.79 -3.53 -12.99
CA ASP A 404 11.26 -2.68 -14.08
C ASP A 404 12.18 -3.41 -15.05
N LYS A 405 12.16 -4.75 -15.01
CA LYS A 405 12.90 -5.59 -15.93
C LYS A 405 12.01 -6.75 -16.32
N GLN A 406 12.52 -7.61 -17.20
CA GLN A 406 11.78 -8.81 -17.62
C GLN A 406 12.04 -9.91 -16.60
N VAL A 407 11.05 -10.16 -15.72
CA VAL A 407 11.13 -11.26 -14.79
C VAL A 407 10.96 -12.56 -15.56
N GLN A 408 11.93 -13.46 -15.45
CA GLN A 408 11.85 -14.72 -16.17
C GLN A 408 10.73 -15.57 -15.58
N LYS A 409 9.91 -16.15 -16.47
CA LYS A 409 8.77 -16.96 -16.05
C LYS A 409 9.24 -18.22 -15.34
N ALA A 410 8.46 -18.63 -14.33
CA ALA A 410 8.65 -19.85 -13.54
C ALA A 410 9.95 -19.86 -12.74
N SER A 411 10.62 -18.71 -12.58
CA SER A 411 11.74 -18.66 -11.65
C SER A 411 11.24 -18.82 -10.21
N LEU A 412 10.19 -18.07 -9.87
CA LEU A 412 9.55 -18.23 -8.57
C LEU A 412 8.73 -19.50 -8.53
N GLY A 413 8.70 -20.14 -7.35
CA GLY A 413 8.08 -21.46 -7.22
C GLY A 413 6.59 -21.50 -7.49
N ILE A 414 5.93 -20.35 -7.51
CA ILE A 414 4.48 -20.30 -7.75
C ILE A 414 4.16 -20.26 -9.24
N MET A 415 4.99 -19.58 -10.03
CA MET A 415 4.67 -19.34 -11.43
C MET A 415 4.67 -20.62 -12.24
N GLY A 416 3.68 -20.74 -13.13
CA GLY A 416 3.50 -21.94 -13.91
C GLY A 416 2.71 -23.02 -13.21
N THR A 417 2.08 -22.72 -12.07
CA THR A 417 1.31 -23.70 -11.34
C THR A 417 -0.18 -23.34 -11.38
N GLU A 418 -1.01 -24.35 -11.07
CA GLU A 418 -2.45 -24.15 -11.04
C GLU A 418 -2.87 -23.11 -10.01
N LYS A 419 -2.04 -22.84 -9.02
CA LYS A 419 -2.34 -21.82 -8.03
C LYS A 419 -1.87 -20.43 -8.45
N CYS A 420 -1.14 -20.30 -9.56
CA CYS A 420 -0.53 -19.02 -9.88
C CYS A 420 -1.54 -18.03 -10.47
N CYS A 421 -2.11 -18.39 -11.62
CA CYS A 421 -3.01 -17.51 -12.34
C CYS A 421 -3.86 -18.34 -13.29
N ASP A 422 -4.95 -17.73 -13.75
CA ASP A 422 -5.91 -18.44 -14.60
C ASP A 422 -5.30 -18.90 -15.91
N ASN A 423 -4.35 -18.14 -16.46
CA ASN A 423 -3.73 -18.57 -17.71
C ASN A 423 -2.81 -19.76 -17.50
N CYS A 424 -2.03 -19.75 -16.42
CA CYS A 424 -1.24 -20.94 -16.11
C CYS A 424 -2.15 -22.12 -15.83
N ARG A 425 -3.21 -21.90 -15.05
CA ARG A 425 -4.11 -23.00 -14.69
C ARG A 425 -4.78 -23.60 -15.92
N SER A 426 -5.28 -22.77 -16.83
CA SER A 426 -5.94 -23.30 -18.02
C SER A 426 -4.95 -24.00 -18.94
N ARG A 427 -3.70 -23.51 -19.01
CA ARG A 427 -2.70 -24.19 -19.82
C ARG A 427 -2.36 -25.56 -19.26
N LEU A 428 -2.28 -25.67 -17.93
CA LEU A 428 -2.05 -26.95 -17.27
C LEU A 428 -3.26 -27.86 -17.37
N ASP A 429 -4.46 -27.27 -17.47
CA ASP A 429 -5.68 -28.05 -17.68
C ASP A 429 -5.81 -28.56 -19.11
N HIS A 430 -4.92 -28.14 -20.01
CA HIS A 430 -4.94 -28.53 -21.41
C HIS A 430 -3.60 -29.15 -21.79
N GLY A 431 -3.11 -30.08 -20.97
CA GLY A 431 -1.82 -30.71 -21.20
C GLY A 431 -0.62 -29.80 -20.96
N GLY A 432 -0.62 -29.03 -19.88
CA GLY A 432 0.50 -28.17 -19.57
C GLY A 432 1.69 -28.96 -19.03
N ARG A 433 2.81 -28.26 -18.93
CA ARG A 433 4.06 -28.89 -18.46
C ARG A 433 4.27 -28.50 -17.00
N LEU A 434 3.80 -29.36 -16.10
CA LEU A 434 4.21 -29.26 -14.70
C LEU A 434 5.72 -29.44 -14.64
N GLU A 435 6.45 -28.37 -14.34
CA GLU A 435 7.90 -28.37 -14.50
C GLU A 435 8.59 -28.96 -13.28
N VAL A 436 9.45 -29.94 -13.54
CA VAL A 436 10.31 -30.54 -12.53
C VAL A 436 11.68 -29.88 -12.60
N LEU A 437 12.40 -29.90 -11.48
CA LEU A 437 13.75 -29.34 -11.45
C LEU A 437 14.81 -30.43 -11.53
#